data_6W0Y
#
_entry.id   6W0Y
#
_cell.length_a   81.972
_cell.length_b   83.556
_cell.length_c   137.595
_cell.angle_alpha   90.000
_cell.angle_beta   90.000
_cell.angle_gamma   90.000
#
_symmetry.space_group_name_H-M   'P 21 21 21'
#
loop_
_entity.id
_entity.type
_entity.pdbx_description
1 polymer Ketohexokinase
2 non-polymer '2-[(1~{R},5~{S})-3-[5-cyano-6-[(2~{S},3~{R})-2-methyl-3-oxidanyl-azetidin-1-yl]-4-(trifluoromethyl)pyridin-2-yl]-3-azabicyclo[3.1.0]hexan-6-yl]ethanoic acid'
3 non-polymer 'SULFATE ION'
4 water water
#
_entity_poly.entity_id   1
_entity_poly.type   'polypeptide(L)'
_entity_poly.pdbx_seq_one_letter_code
;MGSSHHHHHHSSGLVPRGSQILCVGLVVLDVISLVDKYPKEDSEIRCLSQRWQRGGNASNSCTVLSLLGAPCAFMGSMAP
GHVADFLVADFRRRGVDVSQVAWQSKGDTPSSCCIINNSNGNRTIVLHDTSLPDVSATDFEKVDLTQFKWIHIEGRNASE
QVKMLQRIDAHNTRQPPEQKIRVSVEVEKPREELFQLFGYGDVVFVSKDVAKHLGFQSAEEALRGLYGRVRKGAVLVCAW
AEEGADALGPDGKLLHSDAFPPPRVVDTLGAGDTFNASVIFSLSQGRSVQEALRFGCQVAGKKCGLQGFDGIV
;
_entity_poly.pdbx_strand_id   A,B
#
loop_
_chem_comp.id
_chem_comp.type
_chem_comp.name
_chem_comp.formula
S6S non-polymer '2-[(1~{R},5~{S})-3-[5-cyano-6-[(2~{S},3~{R})-2-methyl-3-oxidanyl-azetidin-1-yl]-4-(trifluoromethyl)pyridin-2-yl]-3-azabicyclo[3.1.0]hexan-6-yl]ethanoic acid' 'C18 H19 F3 N4 O3'
SO4 non-polymer 'SULFATE ION' 'O4 S -2'
#
# COMPACT_ATOMS: atom_id res chain seq x y z
N GLY A 18 3.75 7.47 38.07
CA GLY A 18 3.44 6.04 38.08
C GLY A 18 2.04 5.72 37.58
N SER A 19 1.60 6.39 36.51
CA SER A 19 0.25 6.24 35.96
C SER A 19 0.20 5.62 34.54
N GLN A 20 1.29 5.76 33.76
CA GLN A 20 1.37 5.31 32.38
C GLN A 20 2.06 3.97 32.14
N ILE A 21 1.68 3.32 31.02
CA ILE A 21 2.31 2.11 30.52
C ILE A 21 3.05 2.55 29.25
N LEU A 22 4.38 2.37 29.23
CA LEU A 22 5.22 2.69 28.08
C LEU A 22 5.48 1.44 27.23
N CYS A 23 5.34 1.55 25.90
CA CYS A 23 5.67 0.49 24.93
C CYS A 23 6.74 1.05 24.01
N VAL A 24 7.91 0.39 23.99
CA VAL A 24 9.09 0.73 23.19
C VAL A 24 9.19 -0.27 22.05
N GLY A 25 9.18 0.23 20.81
CA GLY A 25 9.28 -0.61 19.64
C GLY A 25 8.99 0.08 18.32
N LEU A 26 8.45 -0.68 17.38
CA LEU A 26 8.15 -0.23 16.04
C LEU A 26 6.72 0.30 15.82
N VAL A 27 6.62 1.30 14.92
CA VAL A 27 5.39 1.85 14.34
C VAL A 27 5.58 1.71 12.83
N VAL A 28 4.60 1.06 12.17
CA VAL A 28 4.63 0.75 10.74
C VAL A 28 3.23 1.10 10.17
N LEU A 29 3.18 1.76 8.99
CA LEU A 29 1.91 1.98 8.32
C LEU A 29 1.61 0.70 7.52
N ASP A 30 0.49 0.04 7.84
CA ASP A 30 0.05 -1.16 7.17
C ASP A 30 -0.95 -0.84 6.07
N VAL A 31 -0.57 -1.21 4.85
CA VAL A 31 -1.42 -1.06 3.68
C VAL A 31 -2.09 -2.43 3.51
N ILE A 32 -3.38 -2.49 3.90
CA ILE A 32 -4.18 -3.70 4.06
C ILE A 32 -5.11 -3.95 2.93
N SER A 33 -5.04 -5.16 2.36
CA SER A 33 -5.92 -5.64 1.29
C SER A 33 -6.63 -6.86 1.82
N LEU A 34 -7.96 -6.87 1.72
CA LEU A 34 -8.79 -7.98 2.16
C LEU A 34 -9.20 -8.76 0.92
N VAL A 35 -8.79 -10.03 0.82
CA VAL A 35 -9.03 -10.92 -0.36
C VAL A 35 -9.96 -12.11 -0.04
N ASP A 36 -10.68 -12.64 -1.06
CA ASP A 36 -11.54 -13.81 -0.88
C ASP A 36 -10.70 -15.09 -0.69
N LYS A 37 -9.58 -15.18 -1.44
CA LYS A 37 -8.61 -16.27 -1.37
C LYS A 37 -7.19 -15.76 -1.54
N TYR A 38 -6.22 -16.33 -0.81
CA TYR A 38 -4.81 -15.93 -0.90
C TYR A 38 -4.30 -16.06 -2.34
N PRO A 39 -3.63 -15.02 -2.89
CA PRO A 39 -3.18 -15.10 -4.29
C PRO A 39 -2.15 -16.18 -4.58
N LYS A 40 -2.35 -16.85 -5.70
CA LYS A 40 -1.42 -17.86 -6.16
C LYS A 40 -0.29 -17.05 -6.83
N GLU A 41 0.99 -17.45 -6.67
CA GLU A 41 2.08 -16.72 -7.29
C GLU A 41 1.91 -16.62 -8.81
N ASP A 42 2.19 -15.43 -9.37
CA ASP A 42 2.13 -15.05 -10.79
C ASP A 42 0.68 -14.69 -11.24
N SER A 43 -0.26 -14.59 -10.30
CA SER A 43 -1.66 -14.23 -10.63
C SER A 43 -2.07 -12.77 -10.27
N GLU A 44 -3.21 -12.34 -10.85
CA GLU A 44 -3.86 -11.06 -10.58
C GLU A 44 -5.21 -11.37 -9.96
N ILE A 45 -5.46 -10.85 -8.76
CA ILE A 45 -6.73 -11.02 -8.06
C ILE A 45 -7.23 -9.63 -7.63
N ARG A 46 -8.53 -9.38 -7.71
CA ARG A 46 -9.10 -8.13 -7.25
C ARG A 46 -9.45 -8.30 -5.78
N CYS A 47 -9.01 -7.39 -4.92
CA CYS A 47 -9.34 -7.46 -3.51
C CYS A 47 -10.80 -6.98 -3.26
N LEU A 48 -11.34 -7.32 -2.09
CA LEU A 48 -12.69 -6.97 -1.68
C LEU A 48 -12.72 -5.53 -1.12
N SER A 49 -11.75 -5.19 -0.25
CA SER A 49 -11.61 -3.87 0.34
C SER A 49 -10.14 -3.61 0.74
N GLN A 50 -9.86 -2.31 0.97
CA GLN A 50 -8.52 -1.74 1.29
CA GLN A 50 -8.54 -1.85 1.39
C GLN A 50 -8.61 -0.84 2.49
N ARG A 51 -7.53 -0.72 3.27
CA ARG A 51 -7.44 0.22 4.38
C ARG A 51 -6.00 0.44 4.78
N TRP A 52 -5.80 1.52 5.52
CA TRP A 52 -4.54 1.94 6.10
C TRP A 52 -4.72 1.77 7.59
N GLN A 53 -3.79 1.11 8.22
CA GLN A 53 -3.85 0.90 9.64
C GLN A 53 -2.49 1.15 10.24
N ARG A 54 -2.44 1.81 11.39
CA ARG A 54 -1.20 1.99 12.12
C ARG A 54 -0.89 0.61 12.74
N GLY A 55 0.32 0.15 12.51
CA GLY A 55 0.85 -1.13 12.92
C GLY A 55 2.17 -1.03 13.61
N GLY A 56 2.85 -2.18 13.78
CA GLY A 56 4.06 -2.37 14.57
C GLY A 56 3.65 -3.00 15.89
N ASN A 57 4.50 -3.86 16.51
CA ASN A 57 4.12 -4.57 17.74
C ASN A 57 3.86 -3.65 18.92
N ALA A 58 4.84 -2.79 19.27
CA ALA A 58 4.68 -1.86 20.40
C ALA A 58 3.54 -0.87 20.14
N SER A 59 3.40 -0.43 18.87
CA SER A 59 2.37 0.50 18.39
C SER A 59 0.98 -0.08 18.52
N ASN A 60 0.80 -1.36 18.13
CA ASN A 60 -0.47 -2.07 18.21
C ASN A 60 -0.89 -2.28 19.62
N SER A 61 0.08 -2.60 20.53
CA SER A 61 -0.15 -2.80 21.97
C SER A 61 -0.65 -1.51 22.64
N CYS A 62 -0.21 -0.32 22.15
CA CYS A 62 -0.65 0.98 22.64
C CYS A 62 -2.12 1.20 22.29
N THR A 63 -2.53 0.85 21.05
CA THR A 63 -3.93 0.94 20.60
C THR A 63 -4.82 0.17 21.58
N VAL A 64 -4.46 -1.08 21.85
CA VAL A 64 -5.17 -2.01 22.73
C VAL A 64 -5.23 -1.49 24.17
N LEU A 65 -4.09 -0.96 24.71
CA LEU A 65 -4.04 -0.39 26.05
C LEU A 65 -4.95 0.85 26.16
N SER A 66 -4.98 1.70 25.13
CA SER A 66 -5.87 2.87 25.13
C SER A 66 -7.31 2.44 25.18
N LEU A 67 -7.70 1.46 24.33
CA LEU A 67 -9.06 0.92 24.26
C LEU A 67 -9.48 0.20 25.55
N LEU A 68 -8.50 -0.35 26.30
CA LEU A 68 -8.71 -1.01 27.59
C LEU A 68 -8.88 -0.02 28.74
N GLY A 69 -8.63 1.26 28.47
CA GLY A 69 -8.77 2.34 29.43
C GLY A 69 -7.49 2.69 30.16
N ALA A 70 -6.33 2.25 29.63
CA ALA A 70 -5.02 2.50 30.25
C ALA A 70 -4.30 3.70 29.67
N PRO A 71 -3.78 4.62 30.52
CA PRO A 71 -2.98 5.74 29.99
C PRO A 71 -1.69 5.15 29.43
N CYS A 72 -1.39 5.38 28.15
CA CYS A 72 -0.19 4.78 27.59
C CYS A 72 0.60 5.75 26.75
N ALA A 73 1.85 5.40 26.54
CA ALA A 73 2.83 6.16 25.80
C ALA A 73 3.55 5.23 24.81
N PHE A 74 4.00 5.79 23.69
CA PHE A 74 4.75 5.08 22.68
C PHE A 74 6.12 5.73 22.51
N MET A 75 7.16 4.88 22.48
CA MET A 75 8.51 5.28 22.18
C MET A 75 9.02 4.40 21.04
N GLY A 76 9.36 5.07 19.95
CA GLY A 76 9.82 4.43 18.73
C GLY A 76 10.34 5.46 17.76
N SER A 77 11.06 4.99 16.74
CA SER A 77 11.65 5.85 15.73
C SER A 77 10.66 6.17 14.62
N MET A 78 10.62 7.43 14.22
CA MET A 78 9.81 7.94 13.12
C MET A 78 10.65 8.97 12.39
N ALA A 79 10.37 9.15 11.10
CA ALA A 79 11.03 10.16 10.28
C ALA A 79 9.95 11.15 9.83
N PRO A 80 10.21 12.48 9.88
CA PRO A 80 9.21 13.45 9.43
C PRO A 80 8.74 13.16 8.01
N GLY A 81 7.47 13.38 7.77
CA GLY A 81 6.86 13.11 6.47
C GLY A 81 5.40 12.77 6.59
N HIS A 82 4.76 12.52 5.45
CA HIS A 82 3.33 12.27 5.35
C HIS A 82 2.91 10.93 5.93
N VAL A 83 3.82 9.92 5.91
CA VAL A 83 3.59 8.60 6.53
C VAL A 83 3.53 8.83 8.07
N ALA A 84 4.54 9.54 8.65
CA ALA A 84 4.61 9.88 10.09
C ALA A 84 3.39 10.68 10.50
N ASP A 85 2.94 11.61 9.65
CA ASP A 85 1.75 12.44 9.87
C ASP A 85 0.51 11.58 10.09
N PHE A 86 0.30 10.55 9.24
CA PHE A 86 -0.84 9.64 9.35
C PHE A 86 -0.78 8.91 10.70
N LEU A 87 0.41 8.35 11.02
CA LEU A 87 0.71 7.59 12.22
C LEU A 87 0.55 8.39 13.50
N VAL A 88 1.04 9.64 13.51
CA VAL A 88 0.93 10.56 14.66
C VAL A 88 -0.54 10.93 14.91
N ALA A 89 -1.27 11.25 13.82
CA ALA A 89 -2.69 11.57 13.91
C ALA A 89 -3.48 10.34 14.40
N ASP A 90 -3.06 9.12 14.00
CA ASP A 90 -3.70 7.88 14.44
C ASP A 90 -3.42 7.63 15.92
N PHE A 91 -2.14 7.78 16.34
CA PHE A 91 -1.75 7.64 17.74
C PHE A 91 -2.58 8.59 18.59
N ARG A 92 -2.62 9.86 18.20
CA ARG A 92 -3.34 10.92 18.90
C ARG A 92 -4.85 10.70 18.95
N ARG A 93 -5.45 10.19 17.86
CA ARG A 93 -6.87 9.84 17.77
C ARG A 93 -7.25 8.83 18.89
N ARG A 94 -6.28 7.97 19.26
CA ARG A 94 -6.40 6.92 20.27
C ARG A 94 -6.11 7.42 21.66
N GLY A 95 -5.46 8.56 21.71
CA GLY A 95 -5.03 9.14 22.96
C GLY A 95 -3.76 8.49 23.45
N VAL A 96 -2.91 8.00 22.52
CA VAL A 96 -1.60 7.45 22.86
C VAL A 96 -0.65 8.65 22.99
N ASP A 97 0.10 8.70 24.08
CA ASP A 97 1.08 9.76 24.34
C ASP A 97 2.27 9.50 23.42
N VAL A 98 2.60 10.48 22.55
CA VAL A 98 3.66 10.41 21.52
C VAL A 98 4.88 11.28 21.80
N SER A 99 4.90 11.99 22.96
CA SER A 99 5.97 12.91 23.34
C SER A 99 7.40 12.30 23.34
N GLN A 100 7.52 10.98 23.48
CA GLN A 100 8.79 10.25 23.56
C GLN A 100 9.26 9.63 22.24
N VAL A 101 8.59 9.92 21.10
CA VAL A 101 9.02 9.43 19.79
C VAL A 101 10.43 9.97 19.44
N ALA A 102 11.30 9.05 18.96
CA ALA A 102 12.66 9.38 18.55
C ALA A 102 12.63 9.79 17.08
N TRP A 103 12.51 11.09 16.83
CA TRP A 103 12.46 11.66 15.49
C TRP A 103 13.83 11.59 14.84
N GLN A 104 13.89 10.89 13.69
CA GLN A 104 15.11 10.63 12.93
C GLN A 104 15.23 11.52 11.69
N SER A 105 16.44 12.03 11.40
CA SER A 105 16.67 12.90 10.22
C SER A 105 17.03 12.08 8.94
N LYS A 106 17.44 10.82 9.14
CA LYS A 106 17.84 9.90 8.09
C LYS A 106 16.90 8.70 8.06
N GLY A 107 16.37 8.43 6.88
CA GLY A 107 15.43 7.35 6.61
C GLY A 107 14.01 7.79 6.30
N ASP A 108 13.11 6.79 6.18
CA ASP A 108 11.67 6.91 5.93
C ASP A 108 10.96 6.10 6.98
N THR A 109 9.65 6.30 7.18
CA THR A 109 8.94 5.52 8.19
C THR A 109 8.49 4.16 7.57
N PRO A 110 8.58 3.04 8.34
CA PRO A 110 8.23 1.72 7.77
C PRO A 110 6.79 1.56 7.32
N SER A 111 6.64 0.79 6.26
CA SER A 111 5.36 0.50 5.60
C SER A 111 5.34 -0.97 5.29
N SER A 112 4.14 -1.52 5.21
CA SER A 112 4.01 -2.92 4.88
C SER A 112 2.78 -3.16 4.07
N CYS A 113 2.81 -4.21 3.25
CA CYS A 113 1.70 -4.68 2.45
C CYS A 113 1.15 -5.83 3.19
N CYS A 114 -0.09 -5.70 3.68
CA CYS A 114 -0.79 -6.73 4.43
C CYS A 114 -1.94 -7.36 3.63
N ILE A 115 -1.85 -8.68 3.42
CA ILE A 115 -2.88 -9.43 2.72
C ILE A 115 -3.66 -10.21 3.79
N ILE A 116 -4.94 -9.87 3.98
CA ILE A 116 -5.82 -10.55 4.94
C ILE A 116 -6.80 -11.40 4.17
N ASN A 117 -6.77 -12.73 4.39
CA ASN A 117 -7.68 -13.68 3.71
C ASN A 117 -9.00 -13.67 4.45
N ASN A 118 -10.09 -13.29 3.76
CA ASN A 118 -11.40 -13.14 4.39
C ASN A 118 -12.03 -14.46 4.89
N SER A 119 -11.73 -15.58 4.20
CA SER A 119 -12.23 -16.91 4.53
C SER A 119 -11.85 -17.33 5.96
N ASN A 120 -10.56 -17.16 6.35
CA ASN A 120 -10.02 -17.63 7.61
C ASN A 120 -9.34 -16.58 8.52
N GLY A 121 -9.23 -15.34 8.06
CA GLY A 121 -8.61 -14.25 8.81
C GLY A 121 -7.08 -14.24 8.77
N ASN A 122 -6.48 -15.20 8.04
CA ASN A 122 -5.03 -15.32 7.87
C ASN A 122 -4.44 -14.03 7.35
N ARG A 123 -3.32 -13.63 7.89
CA ARG A 123 -2.68 -12.38 7.54
C ARG A 123 -1.29 -12.73 7.07
N THR A 124 -0.84 -12.12 5.96
CA THR A 124 0.48 -12.27 5.35
C THR A 124 1.01 -10.85 5.21
N ILE A 125 2.24 -10.59 5.69
CA ILE A 125 2.86 -9.27 5.70
C ILE A 125 4.16 -9.21 4.92
N VAL A 126 4.23 -8.31 3.94
CA VAL A 126 5.46 -8.03 3.18
C VAL A 126 5.93 -6.70 3.77
N LEU A 127 6.99 -6.72 4.59
CA LEU A 127 7.39 -5.55 5.34
C LEU A 127 8.60 -4.84 4.75
N HIS A 128 8.55 -3.51 4.83
CA HIS A 128 9.60 -2.64 4.33
C HIS A 128 10.25 -1.90 5.49
N ASP A 129 11.38 -2.45 6.00
CA ASP A 129 12.18 -1.84 7.07
C ASP A 129 13.16 -0.90 6.40
N THR A 130 12.68 0.34 6.27
CA THR A 130 13.27 1.56 5.68
C THR A 130 14.72 1.89 6.11
N SER A 131 15.25 1.08 7.05
CA SER A 131 16.57 1.17 7.67
C SER A 131 16.71 2.49 8.46
N LEU A 132 15.61 2.87 9.15
CA LEU A 132 15.51 4.00 10.07
C LEU A 132 16.35 3.60 11.25
N PRO A 133 17.17 4.50 11.84
CA PRO A 133 17.92 4.10 13.05
C PRO A 133 16.94 3.78 14.17
N ASP A 134 17.22 2.71 14.93
CA ASP A 134 16.39 2.30 16.04
C ASP A 134 16.57 3.23 17.24
N VAL A 135 15.65 3.16 18.23
CA VAL A 135 15.75 3.90 19.50
C VAL A 135 17.03 3.40 20.20
N SER A 136 17.89 4.32 20.65
CA SER A 136 19.14 3.93 21.30
C SER A 136 19.06 4.05 22.81
N ALA A 137 20.10 3.54 23.49
CA ALA A 137 20.23 3.62 24.94
C ALA A 137 20.36 5.09 25.35
N THR A 138 21.04 5.93 24.50
CA THR A 138 21.19 7.38 24.74
C THR A 138 19.85 8.07 24.56
N ASP A 139 19.05 7.61 23.58
CA ASP A 139 17.71 8.16 23.38
C ASP A 139 16.90 7.89 24.68
N PHE A 140 16.86 6.61 25.13
CA PHE A 140 16.15 6.18 26.34
C PHE A 140 16.63 6.84 27.67
N GLU A 141 17.93 7.19 27.79
CA GLU A 141 18.49 7.83 29.00
C GLU A 141 17.84 9.22 29.26
N LYS A 142 17.37 9.89 28.18
CA LYS A 142 16.72 11.20 28.19
C LYS A 142 15.26 11.15 28.66
N VAL A 143 14.73 9.95 28.93
CA VAL A 143 13.35 9.74 29.38
C VAL A 143 13.19 9.75 30.90
N ASP A 144 12.21 10.55 31.38
CA ASP A 144 11.79 10.66 32.78
C ASP A 144 10.97 9.41 33.06
N LEU A 145 11.54 8.49 33.83
CA LEU A 145 10.86 7.23 34.12
C LEU A 145 9.73 7.32 35.14
N THR A 146 9.69 8.38 35.98
CA THR A 146 8.72 8.53 37.09
C THR A 146 7.24 8.47 36.70
N GLN A 147 6.87 8.90 35.48
CA GLN A 147 5.48 8.84 35.03
C GLN A 147 5.01 7.42 34.66
N PHE A 148 5.95 6.46 34.52
CA PHE A 148 5.64 5.09 34.10
C PHE A 148 5.52 4.10 35.23
N LYS A 149 4.44 3.31 35.22
CA LYS A 149 4.21 2.23 36.20
C LYS A 149 4.66 0.90 35.60
N TRP A 150 4.66 0.81 34.24
CA TRP A 150 5.02 -0.36 33.47
C TRP A 150 5.74 0.09 32.19
N ILE A 151 6.85 -0.62 31.83
CA ILE A 151 7.65 -0.39 30.61
C ILE A 151 7.80 -1.72 29.87
N HIS A 152 7.24 -1.77 28.65
CA HIS A 152 7.27 -2.92 27.77
C HIS A 152 8.21 -2.62 26.59
N ILE A 153 9.22 -3.49 26.37
CA ILE A 153 10.17 -3.35 25.29
C ILE A 153 10.01 -4.50 24.27
N GLU A 154 9.74 -4.14 23.01
CA GLU A 154 9.66 -5.08 21.89
C GLU A 154 11.11 -5.26 21.41
N GLY A 155 11.63 -6.50 21.53
CA GLY A 155 12.99 -6.87 21.15
C GLY A 155 13.34 -6.56 19.71
N ARG A 156 14.35 -5.68 19.51
CA ARG A 156 14.83 -5.24 18.21
C ARG A 156 16.37 -5.17 18.19
N ASN A 157 16.94 -4.06 18.73
CA ASN A 157 18.38 -3.81 18.86
C ASN A 157 18.77 -4.17 20.30
N ALA A 158 18.90 -5.48 20.55
CA ALA A 158 19.12 -6.09 21.87
C ALA A 158 20.26 -5.51 22.73
N SER A 159 21.46 -5.30 22.17
CA SER A 159 22.59 -4.76 22.97
C SER A 159 22.29 -3.37 23.54
N GLU A 160 21.50 -2.58 22.80
CA GLU A 160 21.07 -1.22 23.11
C GLU A 160 19.88 -1.24 24.08
N GLN A 161 18.99 -2.23 23.94
CA GLN A 161 17.83 -2.43 24.80
C GLN A 161 18.21 -3.00 26.16
N VAL A 162 19.32 -3.76 26.23
CA VAL A 162 19.87 -4.32 27.47
C VAL A 162 20.29 -3.16 28.38
N LYS A 163 20.94 -2.11 27.82
CA LYS A 163 21.36 -0.92 28.56
C LYS A 163 20.14 -0.14 29.05
N MET A 164 19.03 -0.14 28.24
CA MET A 164 17.75 0.49 28.60
C MET A 164 17.16 -0.25 29.79
N LEU A 165 17.24 -1.60 29.77
CA LEU A 165 16.75 -2.46 30.83
C LEU A 165 17.57 -2.32 32.11
N GLN A 166 18.90 -2.10 31.97
CA GLN A 166 19.82 -1.86 33.07
C GLN A 166 19.52 -0.51 33.74
N ARG A 167 19.06 0.49 32.95
CA ARG A 167 18.66 1.80 33.44
C ARG A 167 17.38 1.70 34.32
N ILE A 168 16.39 0.88 33.90
CA ILE A 168 15.15 0.68 34.67
C ILE A 168 15.46 -0.06 35.99
N ASP A 169 16.38 -1.05 35.93
CA ASP A 169 16.83 -1.80 37.11
C ASP A 169 17.49 -0.86 38.11
N ALA A 170 18.39 0.04 37.61
CA ALA A 170 19.09 1.05 38.41
C ALA A 170 18.08 1.95 39.12
N HIS A 171 17.01 2.39 38.41
CA HIS A 171 15.92 3.22 38.95
C HIS A 171 15.15 2.52 40.07
N ASN A 172 14.76 1.24 39.84
CA ASN A 172 14.01 0.46 40.82
C ASN A 172 14.78 0.19 42.10
N THR A 173 16.12 0.07 42.02
CA THR A 173 17.01 -0.14 43.16
C THR A 173 16.80 0.97 44.20
N ARG A 174 16.63 2.22 43.73
CA ARG A 174 16.42 3.39 44.58
C ARG A 174 14.95 3.62 44.96
N GLN A 175 14.05 2.73 44.53
CA GLN A 175 12.63 2.88 44.81
C GLN A 175 12.06 1.88 45.83
N PRO A 176 11.09 2.33 46.68
CA PRO A 176 10.39 1.37 47.57
C PRO A 176 9.56 0.39 46.69
N PRO A 177 9.30 -0.87 47.13
CA PRO A 177 8.59 -1.84 46.27
C PRO A 177 7.28 -1.36 45.60
N GLU A 178 6.53 -0.49 46.29
CA GLU A 178 5.26 0.06 45.81
C GLU A 178 5.43 1.07 44.66
N GLN A 179 6.64 1.64 44.52
CA GLN A 179 6.98 2.63 43.49
C GLN A 179 7.93 2.06 42.42
N LYS A 180 8.04 0.71 42.35
CA LYS A 180 8.88 -0.01 41.40
C LYS A 180 8.18 -0.16 40.04
N ILE A 181 8.90 0.17 38.96
CA ILE A 181 8.42 0.08 37.58
C ILE A 181 8.47 -1.38 37.12
N ARG A 182 7.29 -1.95 36.76
CA ARG A 182 7.19 -3.31 36.24
C ARG A 182 7.68 -3.34 34.80
N VAL A 183 8.34 -4.44 34.42
CA VAL A 183 8.99 -4.52 33.12
C VAL A 183 8.64 -5.78 32.38
N SER A 184 8.27 -5.63 31.10
CA SER A 184 8.04 -6.76 30.22
C SER A 184 8.92 -6.63 28.96
N VAL A 185 9.28 -7.79 28.43
CA VAL A 185 10.13 -7.93 27.27
C VAL A 185 9.44 -8.89 26.29
N GLU A 186 9.52 -8.60 24.98
CA GLU A 186 8.96 -9.45 23.92
C GLU A 186 10.09 -9.93 22.99
N VAL A 187 10.22 -11.25 22.81
CA VAL A 187 11.18 -11.91 21.91
C VAL A 187 10.26 -12.59 20.88
N GLU A 188 9.93 -11.83 19.82
CA GLU A 188 9.02 -12.23 18.74
C GLU A 188 9.76 -12.71 17.47
N LYS A 189 10.98 -12.18 17.21
CA LYS A 189 11.75 -12.56 16.02
C LYS A 189 12.81 -13.61 16.33
N PRO A 190 12.95 -14.66 15.48
CA PRO A 190 13.91 -15.74 15.78
C PRO A 190 15.37 -15.40 15.47
N ARG A 191 15.86 -14.28 16.03
CA ARG A 191 17.24 -13.80 15.89
C ARG A 191 17.98 -14.04 17.21
N GLU A 192 19.10 -14.76 17.15
CA GLU A 192 19.94 -15.11 18.31
C GLU A 192 20.30 -13.92 19.23
N GLU A 193 20.53 -12.73 18.63
CA GLU A 193 20.87 -11.47 19.32
C GLU A 193 19.90 -11.20 20.48
N LEU A 194 18.58 -11.43 20.23
CA LEU A 194 17.46 -11.17 21.13
C LEU A 194 17.36 -12.08 22.34
N PHE A 195 17.97 -13.26 22.28
CA PHE A 195 17.88 -14.26 23.33
C PHE A 195 18.55 -13.85 24.64
N GLN A 196 19.30 -12.73 24.64
CA GLN A 196 19.91 -12.21 25.86
C GLN A 196 18.86 -11.47 26.70
N LEU A 197 17.76 -11.04 26.03
CA LEU A 197 16.66 -10.30 26.62
C LEU A 197 15.83 -11.12 27.56
N PHE A 198 15.96 -12.47 27.51
CA PHE A 198 15.24 -13.39 28.39
C PHE A 198 15.60 -13.14 29.85
N GLY A 199 16.86 -12.75 30.11
CA GLY A 199 17.38 -12.45 31.44
C GLY A 199 16.94 -11.12 32.03
N TYR A 200 16.06 -10.39 31.32
CA TYR A 200 15.56 -9.09 31.76
C TYR A 200 14.02 -9.08 31.85
N GLY A 201 13.51 -8.28 32.77
CA GLY A 201 12.07 -8.13 32.94
C GLY A 201 11.40 -9.09 33.89
N ASP A 202 10.26 -8.64 34.43
CA ASP A 202 9.37 -9.37 35.33
C ASP A 202 8.49 -10.31 34.53
N VAL A 203 8.13 -9.90 33.29
CA VAL A 203 7.32 -10.68 32.35
C VAL A 203 8.07 -10.77 31.03
N VAL A 204 8.20 -11.99 30.51
CA VAL A 204 8.92 -12.26 29.27
C VAL A 204 7.98 -12.99 28.35
N PHE A 205 7.63 -12.36 27.22
CA PHE A 205 6.77 -12.97 26.18
C PHE A 205 7.67 -13.51 25.09
N VAL A 206 7.51 -14.80 24.78
CA VAL A 206 8.25 -15.51 23.74
C VAL A 206 7.26 -16.00 22.70
N SER A 207 7.50 -15.67 21.42
CA SER A 207 6.58 -16.06 20.36
C SER A 207 6.65 -17.57 20.05
N LYS A 208 5.54 -18.09 19.47
CA LYS A 208 5.41 -19.45 18.97
C LYS A 208 6.51 -19.68 17.92
N ASP A 209 6.71 -18.68 17.02
CA ASP A 209 7.70 -18.68 15.95
C ASP A 209 9.12 -18.85 16.51
N VAL A 210 9.48 -18.08 17.56
CA VAL A 210 10.78 -18.18 18.24
C VAL A 210 10.94 -19.56 18.89
N ALA A 211 9.91 -20.03 19.60
CA ALA A 211 9.93 -21.35 20.28
C ALA A 211 10.15 -22.49 19.29
N LYS A 212 9.41 -22.48 18.16
CA LYS A 212 9.48 -23.47 17.09
C LYS A 212 10.89 -23.51 16.48
N HIS A 213 11.50 -22.32 16.31
CA HIS A 213 12.86 -22.16 15.80
C HIS A 213 13.91 -22.75 16.73
N LEU A 214 13.62 -22.80 18.05
CA LEU A 214 14.51 -23.40 19.06
C LEU A 214 14.24 -24.89 19.27
N GLY A 215 13.32 -25.44 18.45
CA GLY A 215 12.96 -26.86 18.44
C GLY A 215 11.79 -27.31 19.29
N PHE A 216 11.13 -26.37 20.01
CA PHE A 216 9.99 -26.64 20.88
C PHE A 216 8.71 -26.78 20.06
N GLN A 217 7.94 -27.87 20.30
CA GLN A 217 6.72 -28.19 19.56
C GLN A 217 5.42 -27.76 20.27
N SER A 218 5.53 -27.12 21.46
CA SER A 218 4.39 -26.61 22.25
C SER A 218 4.82 -25.52 23.23
N ALA A 219 3.82 -24.75 23.73
CA ALA A 219 4.03 -23.69 24.72
C ALA A 219 4.60 -24.26 26.03
N GLU A 220 4.12 -25.45 26.50
CA GLU A 220 4.64 -26.11 27.70
C GLU A 220 6.11 -26.51 27.56
N GLU A 221 6.53 -27.04 26.37
CA GLU A 221 7.90 -27.43 26.03
C GLU A 221 8.81 -26.19 26.03
N ALA A 222 8.33 -25.10 25.39
CA ALA A 222 9.05 -23.84 25.30
C ALA A 222 9.27 -23.25 26.69
N LEU A 223 8.22 -23.21 27.53
CA LEU A 223 8.33 -22.67 28.88
C LEU A 223 9.27 -23.47 29.78
N ARG A 224 9.25 -24.80 29.71
CA ARG A 224 10.13 -25.62 30.51
C ARG A 224 11.57 -25.57 30.00
N GLY A 225 11.69 -25.45 28.68
CA GLY A 225 12.98 -25.39 28.00
C GLY A 225 13.70 -24.06 28.15
N LEU A 226 12.94 -22.95 28.19
CA LEU A 226 13.50 -21.59 28.28
C LEU A 226 13.44 -20.94 29.67
N TYR A 227 12.76 -21.54 30.67
CA TYR A 227 12.64 -20.88 31.97
C TYR A 227 13.98 -20.57 32.66
N GLY A 228 14.98 -21.45 32.52
CA GLY A 228 16.29 -21.22 33.12
C GLY A 228 16.99 -19.95 32.66
N ARG A 229 16.53 -19.39 31.52
CA ARG A 229 17.07 -18.17 30.89
C ARG A 229 16.49 -16.87 31.47
N VAL A 230 15.41 -16.94 32.27
CA VAL A 230 14.79 -15.73 32.81
C VAL A 230 15.41 -15.28 34.17
N ARG A 231 15.15 -14.01 34.56
CA ARG A 231 15.53 -13.34 35.83
C ARG A 231 14.83 -14.10 37.00
N LYS A 232 15.38 -14.03 38.23
CA LYS A 232 14.77 -14.69 39.39
C LYS A 232 13.44 -14.00 39.73
N GLY A 233 12.37 -14.80 39.77
CA GLY A 233 11.01 -14.33 40.06
C GLY A 233 10.19 -13.99 38.83
N ALA A 234 10.81 -13.97 37.64
CA ALA A 234 10.16 -13.62 36.38
C ALA A 234 9.10 -14.64 35.95
N VAL A 235 8.18 -14.19 35.07
CA VAL A 235 7.12 -15.00 34.50
C VAL A 235 7.37 -15.09 32.99
N LEU A 236 7.48 -16.32 32.48
CA LEU A 236 7.68 -16.60 31.05
C LEU A 236 6.31 -16.95 30.47
N VAL A 237 5.91 -16.22 29.43
CA VAL A 237 4.60 -16.35 28.76
C VAL A 237 4.77 -16.76 27.29
N CYS A 238 4.04 -17.80 26.85
CA CYS A 238 4.05 -18.23 25.45
C CYS A 238 2.65 -18.55 24.94
N ALA A 239 2.14 -17.68 24.04
CA ALA A 239 0.86 -17.80 23.33
C ALA A 239 1.12 -18.69 22.11
N TRP A 240 0.29 -19.73 21.91
CA TRP A 240 0.42 -20.68 20.82
C TRP A 240 -0.81 -20.61 19.90
N ALA A 241 -1.15 -19.38 19.46
CA ALA A 241 -2.26 -19.03 18.58
C ALA A 241 -3.60 -19.62 19.07
N GLU A 242 -4.36 -20.34 18.24
CA GLU A 242 -5.65 -20.93 18.55
C GLU A 242 -5.58 -22.10 19.53
N GLU A 243 -4.37 -22.45 19.96
CA GLU A 243 -4.16 -23.49 20.98
C GLU A 243 -4.02 -22.88 22.41
N GLY A 244 -4.25 -21.58 22.51
CA GLY A 244 -4.21 -20.89 23.78
C GLY A 244 -2.82 -20.53 24.25
N ALA A 245 -2.74 -19.99 25.44
CA ALA A 245 -1.48 -19.50 25.98
C ALA A 245 -1.14 -20.12 27.31
N ASP A 246 0.17 -20.20 27.58
CA ASP A 246 0.72 -20.75 28.82
C ASP A 246 1.63 -19.72 29.46
N ALA A 247 1.77 -19.79 30.79
CA ALA A 247 2.65 -18.93 31.58
C ALA A 247 3.31 -19.81 32.64
N LEU A 248 4.54 -19.48 33.00
CA LEU A 248 5.29 -20.21 34.01
C LEU A 248 6.10 -19.22 34.87
N GLY A 249 5.89 -19.32 36.18
CA GLY A 249 6.56 -18.46 37.16
C GLY A 249 7.46 -19.20 38.11
N PRO A 250 8.02 -18.47 39.11
CA PRO A 250 8.97 -19.07 40.06
C PRO A 250 8.48 -20.29 40.88
N ASP A 251 7.16 -20.47 41.05
CA ASP A 251 6.61 -21.63 41.78
C ASP A 251 6.71 -22.93 40.95
N GLY A 252 7.14 -22.82 39.70
CA GLY A 252 7.27 -23.97 38.81
C GLY A 252 5.95 -24.55 38.32
N LYS A 253 4.83 -23.85 38.59
CA LYS A 253 3.54 -24.33 38.18
C LYS A 253 3.14 -23.73 36.84
N LEU A 254 2.98 -24.63 35.85
CA LEU A 254 2.54 -24.27 34.51
C LEU A 254 1.06 -23.85 34.53
N LEU A 255 0.78 -22.68 33.94
CA LEU A 255 -0.58 -22.15 33.82
C LEU A 255 -0.99 -22.15 32.36
N HIS A 256 -2.25 -22.49 32.08
CA HIS A 256 -2.78 -22.50 30.73
C HIS A 256 -4.10 -21.80 30.64
N SER A 257 -4.35 -21.19 29.48
CA SER A 257 -5.66 -20.66 29.13
C SER A 257 -5.98 -21.11 27.73
N ASP A 258 -7.22 -21.59 27.50
CA ASP A 258 -7.64 -21.91 26.15
C ASP A 258 -7.82 -20.62 25.40
N ALA A 259 -7.75 -20.68 24.06
CA ALA A 259 -8.04 -19.54 23.21
C ALA A 259 -9.57 -19.24 23.26
N PHE A 260 -9.95 -18.03 22.85
CA PHE A 260 -11.34 -17.64 22.71
C PHE A 260 -11.61 -17.39 21.20
N PRO A 261 -11.51 -18.42 20.30
CA PRO A 261 -11.71 -18.13 18.87
C PRO A 261 -13.09 -17.59 18.54
N PRO A 262 -13.20 -16.65 17.60
CA PRO A 262 -14.53 -16.22 17.19
C PRO A 262 -15.16 -17.29 16.26
N PRO A 263 -16.52 -17.40 16.18
CA PRO A 263 -17.13 -18.37 15.25
C PRO A 263 -16.65 -18.19 13.80
N ARG A 264 -16.33 -16.95 13.39
CA ARG A 264 -15.78 -16.57 12.09
C ARG A 264 -14.60 -15.67 12.31
N VAL A 265 -13.44 -16.22 11.96
CA VAL A 265 -12.17 -15.51 12.05
C VAL A 265 -12.04 -14.66 10.75
N VAL A 266 -12.01 -13.32 10.92
CA VAL A 266 -11.96 -12.38 9.81
C VAL A 266 -10.64 -11.58 9.72
N ASP A 267 -9.92 -11.39 10.87
CA ASP A 267 -8.65 -10.61 10.85
C ASP A 267 -7.75 -10.93 12.05
N THR A 268 -6.67 -11.65 11.80
CA THR A 268 -5.70 -12.03 12.83
C THR A 268 -4.57 -11.04 13.01
N LEU A 269 -4.43 -10.05 12.11
CA LEU A 269 -3.35 -9.05 12.19
C LEU A 269 -3.37 -8.25 13.50
N GLY A 270 -2.36 -8.48 14.34
CA GLY A 270 -2.21 -7.83 15.63
C GLY A 270 -2.86 -8.56 16.79
N ALA A 271 -3.25 -9.84 16.60
CA ALA A 271 -3.84 -10.67 17.67
C ALA A 271 -2.84 -10.90 18.82
N GLY A 272 -1.58 -11.17 18.47
CA GLY A 272 -0.50 -11.38 19.43
C GLY A 272 -0.17 -10.15 20.23
N ASP A 273 -0.30 -8.98 19.60
CA ASP A 273 -0.07 -7.67 20.23
C ASP A 273 -1.23 -7.32 21.15
N THR A 274 -2.44 -7.82 20.81
CA THR A 274 -3.66 -7.70 21.60
C THR A 274 -3.50 -8.54 22.87
N PHE A 275 -2.90 -9.76 22.74
CA PHE A 275 -2.61 -10.68 23.83
C PHE A 275 -1.60 -10.02 24.80
N ASN A 276 -0.44 -9.60 24.29
CA ASN A 276 0.61 -8.92 25.06
C ASN A 276 0.07 -7.71 25.85
N ALA A 277 -0.67 -6.79 25.19
CA ALA A 277 -1.25 -5.60 25.82
C ALA A 277 -2.26 -5.94 26.90
N SER A 278 -3.09 -6.95 26.67
CA SER A 278 -4.11 -7.42 27.60
C SER A 278 -3.50 -8.11 28.80
N VAL A 279 -2.43 -8.92 28.61
CA VAL A 279 -1.71 -9.55 29.73
C VAL A 279 -1.12 -8.47 30.63
N ILE A 280 -0.38 -7.52 30.02
CA ILE A 280 0.23 -6.36 30.69
C ILE A 280 -0.84 -5.59 31.47
N PHE A 281 -1.97 -5.27 30.81
CA PHE A 281 -3.04 -4.52 31.44
C PHE A 281 -3.60 -5.20 32.68
N SER A 282 -4.01 -6.47 32.53
CA SER A 282 -4.56 -7.30 33.59
C SER A 282 -3.58 -7.42 34.78
N LEU A 283 -2.28 -7.67 34.51
CA LEU A 283 -1.26 -7.75 35.55
C LEU A 283 -1.09 -6.41 36.24
N SER A 284 -1.09 -5.28 35.47
CA SER A 284 -0.94 -3.93 36.05
C SER A 284 -2.11 -3.53 36.98
N GLN A 285 -3.28 -4.20 36.81
CA GLN A 285 -4.51 -4.03 37.62
C GLN A 285 -4.51 -4.91 38.87
N GLY A 286 -3.46 -5.71 39.06
CA GLY A 286 -3.31 -6.56 40.25
C GLY A 286 -3.85 -7.96 40.14
N ARG A 287 -4.30 -8.35 38.94
CA ARG A 287 -4.88 -9.66 38.67
C ARG A 287 -3.82 -10.74 38.66
N SER A 288 -4.21 -12.00 38.97
CA SER A 288 -3.25 -13.11 38.97
C SER A 288 -2.77 -13.41 37.55
N VAL A 289 -1.68 -14.18 37.44
CA VAL A 289 -1.12 -14.58 36.15
C VAL A 289 -2.13 -15.42 35.41
N GLN A 290 -2.88 -16.29 36.10
CA GLN A 290 -3.93 -17.12 35.52
C GLN A 290 -5.00 -16.25 34.87
N GLU A 291 -5.48 -15.22 35.60
CA GLU A 291 -6.51 -14.28 35.15
C GLU A 291 -6.05 -13.46 33.97
N ALA A 292 -4.77 -13.06 33.95
CA ALA A 292 -4.15 -12.27 32.89
C ALA A 292 -4.00 -13.07 31.60
N LEU A 293 -3.72 -14.40 31.72
CA LEU A 293 -3.61 -15.32 30.58
C LEU A 293 -4.96 -15.43 29.92
N ARG A 294 -6.03 -15.70 30.73
CA ARG A 294 -7.41 -15.86 30.28
C ARG A 294 -7.90 -14.59 29.56
N PHE A 295 -7.64 -13.42 30.19
CA PHE A 295 -8.00 -12.10 29.68
C PHE A 295 -7.30 -11.82 28.38
N GLY A 296 -6.00 -12.15 28.33
CA GLY A 296 -5.19 -12.04 27.12
C GLY A 296 -5.75 -12.83 25.95
N CYS A 297 -6.15 -14.08 26.16
CA CYS A 297 -6.76 -14.95 25.13
C CYS A 297 -8.12 -14.44 24.73
N GLN A 298 -8.85 -13.86 25.69
CA GLN A 298 -10.21 -13.35 25.53
C GLN A 298 -10.25 -12.22 24.56
N VAL A 299 -9.46 -11.16 24.86
CA VAL A 299 -9.36 -9.95 24.08
C VAL A 299 -8.78 -10.24 22.69
N ALA A 300 -7.66 -11.06 22.61
CA ALA A 300 -7.06 -11.48 21.31
C ALA A 300 -8.09 -12.21 20.44
N GLY A 301 -8.85 -13.12 21.05
CA GLY A 301 -9.91 -13.86 20.39
C GLY A 301 -10.98 -12.95 19.85
N LYS A 302 -11.46 -12.00 20.63
CA LYS A 302 -12.46 -11.01 20.25
C LYS A 302 -12.00 -10.20 19.04
N LYS A 303 -10.74 -9.73 19.07
CA LYS A 303 -10.09 -9.01 17.97
C LYS A 303 -10.14 -9.80 16.68
N CYS A 304 -9.88 -11.13 16.74
CA CYS A 304 -9.83 -11.98 15.54
C CYS A 304 -11.13 -12.02 14.72
N GLY A 305 -12.28 -11.82 15.37
CA GLY A 305 -13.59 -11.76 14.73
C GLY A 305 -13.99 -10.38 14.25
N LEU A 306 -13.10 -9.38 14.36
CA LEU A 306 -13.35 -7.99 13.93
C LEU A 306 -12.28 -7.49 12.96
N GLN A 307 -12.59 -6.44 12.18
CA GLN A 307 -11.58 -5.84 11.31
C GLN A 307 -10.94 -4.72 12.13
N GLY A 308 -9.65 -4.81 12.36
CA GLY A 308 -8.95 -3.82 13.15
C GLY A 308 -9.09 -4.01 14.64
N PHE A 309 -9.06 -2.88 15.40
CA PHE A 309 -9.10 -2.91 16.86
C PHE A 309 -10.39 -2.34 17.46
N ASP A 310 -11.20 -1.64 16.68
CA ASP A 310 -12.47 -1.09 17.17
C ASP A 310 -13.44 -2.19 17.58
N GLY A 311 -13.98 -2.04 18.77
CA GLY A 311 -14.96 -2.98 19.30
C GLY A 311 -14.43 -4.15 20.09
N ILE A 312 -13.11 -4.20 20.36
CA ILE A 312 -12.48 -5.28 21.15
C ILE A 312 -12.95 -5.29 22.62
N VAL A 313 -13.50 -4.14 23.08
CA VAL A 313 -14.01 -3.90 24.44
C VAL A 313 -15.46 -3.39 24.34
N GLY B 13 -6.38 28.47 -10.74
CA GLY B 13 -6.03 29.65 -11.54
C GLY B 13 -6.44 29.63 -13.01
N LEU B 14 -6.30 30.81 -13.69
CA LEU B 14 -6.66 31.02 -15.09
C LEU B 14 -5.88 30.09 -15.99
N VAL B 15 -6.61 29.35 -16.85
CA VAL B 15 -6.07 28.45 -17.86
C VAL B 15 -6.46 29.06 -19.23
N PRO B 16 -5.50 29.47 -20.09
CA PRO B 16 -5.89 29.99 -21.40
C PRO B 16 -6.75 28.99 -22.18
N ARG B 17 -7.80 29.48 -22.86
CA ARG B 17 -8.73 28.70 -23.68
C ARG B 17 -7.93 27.94 -24.76
N GLY B 18 -8.36 26.70 -25.03
CA GLY B 18 -7.80 25.77 -26.00
C GLY B 18 -6.31 25.55 -25.85
N SER B 19 -5.82 25.44 -24.60
CA SER B 19 -4.39 25.28 -24.30
C SER B 19 -4.01 23.94 -23.68
N GLN B 20 -4.96 23.28 -22.99
CA GLN B 20 -4.72 22.03 -22.26
C GLN B 20 -5.12 20.74 -22.98
N ILE B 21 -4.46 19.65 -22.61
CA ILE B 21 -4.80 18.29 -23.02
C ILE B 21 -5.38 17.61 -21.77
N LEU B 22 -6.64 17.16 -21.88
CA LEU B 22 -7.33 16.47 -20.80
C LEU B 22 -7.21 14.94 -21.02
N CYS B 23 -6.90 14.19 -19.95
CA CYS B 23 -6.90 12.72 -19.93
C CYS B 23 -7.90 12.30 -18.87
N VAL B 24 -8.94 11.54 -19.30
CA VAL B 24 -10.04 11.01 -18.48
C VAL B 24 -9.78 9.52 -18.26
N GLY B 25 -9.68 9.11 -17.01
CA GLY B 25 -9.44 7.71 -16.68
C GLY B 25 -9.11 7.45 -15.23
N LEU B 26 -8.37 6.38 -15.00
CA LEU B 26 -7.98 5.87 -13.70
C LEU B 26 -6.65 6.39 -13.19
N VAL B 27 -6.60 6.64 -11.88
CA VAL B 27 -5.40 6.93 -11.07
C VAL B 27 -5.40 5.86 -9.99
N VAL B 28 -4.26 5.25 -9.74
CA VAL B 28 -4.18 4.21 -8.71
C VAL B 28 -2.84 4.35 -7.95
N LEU B 29 -2.84 4.06 -6.63
CA LEU B 29 -1.59 4.04 -5.88
C LEU B 29 -1.08 2.61 -5.99
N ASP B 30 0.05 2.43 -6.67
CA ASP B 30 0.70 1.14 -6.85
C ASP B 30 1.78 0.91 -5.77
N VAL B 31 1.61 -0.12 -4.93
CA VAL B 31 2.67 -0.40 -3.95
C VAL B 31 3.47 -1.63 -4.45
N ILE B 32 4.64 -1.38 -5.08
CA ILE B 32 5.54 -2.44 -5.59
C ILE B 32 6.55 -2.87 -4.53
N SER B 33 6.56 -4.17 -4.21
CA SER B 33 7.49 -4.77 -3.25
C SER B 33 8.31 -5.80 -3.99
N LEU B 34 9.62 -5.72 -3.87
CA LEU B 34 10.55 -6.66 -4.50
C LEU B 34 11.05 -7.61 -3.41
N VAL B 35 10.75 -8.93 -3.56
CA VAL B 35 11.08 -9.95 -2.56
C VAL B 35 12.09 -11.02 -3.06
N ASP B 36 12.86 -11.64 -2.14
CA ASP B 36 13.80 -12.72 -2.52
C ASP B 36 13.03 -14.00 -2.88
N LYS B 37 11.94 -14.27 -2.14
CA LYS B 37 11.04 -15.41 -2.37
C LYS B 37 9.60 -15.02 -2.07
N TYR B 38 8.66 -15.54 -2.89
CA TYR B 38 7.23 -15.28 -2.73
C TYR B 38 6.75 -15.68 -1.32
N PRO B 39 6.01 -14.78 -0.61
CA PRO B 39 5.59 -15.12 0.76
C PRO B 39 4.65 -16.31 0.88
N LYS B 40 4.90 -17.11 1.90
CA LYS B 40 4.06 -18.24 2.24
C LYS B 40 2.88 -17.61 3.01
N GLU B 41 1.63 -18.07 2.77
CA GLU B 41 0.49 -17.48 3.47
C GLU B 41 0.62 -17.60 4.99
N ASP B 42 0.27 -16.52 5.71
CA ASP B 42 0.28 -16.34 7.16
C ASP B 42 1.67 -15.97 7.70
N SER B 43 2.63 -15.67 6.82
CA SER B 43 3.99 -15.30 7.22
C SER B 43 4.32 -13.76 7.09
N GLU B 44 5.42 -13.33 7.75
CA GLU B 44 6.00 -11.99 7.67
C GLU B 44 7.36 -12.14 6.99
N ILE B 45 7.56 -11.39 5.92
CA ILE B 45 8.81 -11.41 5.15
C ILE B 45 9.27 -9.98 4.94
N ARG B 46 10.58 -9.73 5.02
CA ARG B 46 11.14 -8.41 4.77
C ARG B 46 11.42 -8.32 3.28
N CYS B 47 10.90 -7.29 2.62
CA CYS B 47 11.17 -7.13 1.19
C CYS B 47 12.57 -6.50 1.02
N LEU B 48 13.10 -6.57 -0.20
CA LEU B 48 14.40 -6.02 -0.57
C LEU B 48 14.29 -4.51 -0.83
N SER B 49 13.25 -4.11 -1.58
CA SER B 49 12.93 -2.72 -1.87
C SER B 49 11.41 -2.56 -2.09
N GLN B 50 10.88 -1.39 -1.73
CA GLN B 50 9.46 -1.08 -1.88
C GLN B 50 9.34 0.30 -2.54
N ARG B 51 8.29 0.47 -3.35
CA ARG B 51 8.00 1.71 -4.08
C ARG B 51 6.54 1.98 -4.05
N TRP B 52 6.18 3.25 -3.90
CA TRP B 52 4.84 3.75 -4.03
C TRP B 52 4.91 4.56 -5.32
N GLN B 53 4.00 4.25 -6.23
CA GLN B 53 3.95 4.89 -7.53
C GLN B 53 2.55 5.21 -7.90
N ARG B 54 2.34 6.40 -8.46
CA ARG B 54 1.07 6.77 -9.04
C ARG B 54 0.99 6.03 -10.39
N GLY B 55 -0.09 5.29 -10.58
CA GLY B 55 -0.37 4.55 -11.81
C GLY B 55 -1.69 4.97 -12.42
N GLY B 56 -2.14 4.13 -13.32
CA GLY B 56 -3.35 4.33 -14.11
C GLY B 56 -2.94 4.81 -15.49
N ASN B 57 -3.70 4.42 -16.53
CA ASN B 57 -3.37 4.80 -17.93
C ASN B 57 -3.48 6.29 -18.17
N ALA B 58 -4.65 6.90 -17.87
CA ALA B 58 -4.85 8.33 -18.07
C ALA B 58 -3.89 9.13 -17.22
N SER B 59 -3.67 8.66 -15.98
CA SER B 59 -2.75 9.21 -14.98
C SER B 59 -1.31 9.25 -15.47
N ASN B 60 -0.83 8.12 -16.03
CA ASN B 60 0.53 7.99 -16.55
C ASN B 60 0.77 8.85 -17.77
N SER B 61 -0.25 8.97 -18.65
CA SER B 61 -0.21 9.81 -19.85
C SER B 61 -0.07 11.29 -19.50
N CYS B 62 -0.63 11.72 -18.36
CA CYS B 62 -0.54 13.10 -17.89
C CYS B 62 0.90 13.39 -17.48
N THR B 63 1.55 12.46 -16.72
CA THR B 63 2.96 12.60 -16.35
C THR B 63 3.82 12.90 -17.61
N VAL B 64 3.65 12.07 -18.67
CA VAL B 64 4.37 12.13 -19.92
C VAL B 64 4.10 13.44 -20.67
N LEU B 65 2.84 13.88 -20.73
CA LEU B 65 2.46 15.16 -21.36
C LEU B 65 3.10 16.35 -20.64
N SER B 66 3.15 16.32 -19.30
CA SER B 66 3.82 17.39 -18.54
C SER B 66 5.29 17.46 -18.87
N LEU B 67 5.96 16.31 -18.87
CA LEU B 67 7.39 16.19 -19.17
C LEU B 67 7.71 16.59 -20.60
N LEU B 68 6.75 16.41 -21.53
CA LEU B 68 6.85 16.80 -22.94
C LEU B 68 6.69 18.30 -23.17
N GLY B 69 6.27 19.00 -22.15
CA GLY B 69 6.08 20.45 -22.21
C GLY B 69 4.67 20.86 -22.52
N ALA B 70 3.70 19.94 -22.36
CA ALA B 70 2.28 20.23 -22.63
C ALA B 70 1.49 20.55 -21.34
N PRO B 71 0.72 21.65 -21.34
CA PRO B 71 -0.19 21.90 -20.20
C PRO B 71 -1.23 20.77 -20.20
N CYS B 72 -1.35 20.02 -19.09
CA CYS B 72 -2.33 18.95 -19.06
C CYS B 72 -3.09 18.89 -17.79
N ALA B 73 -4.24 18.22 -17.85
CA ALA B 73 -5.21 18.06 -16.78
C ALA B 73 -5.61 16.59 -16.67
N PHE B 74 -5.97 16.18 -15.47
CA PHE B 74 -6.47 14.84 -15.21
C PHE B 74 -7.90 14.92 -14.69
N MET B 75 -8.77 14.04 -15.23
CA MET B 75 -10.14 13.86 -14.76
C MET B 75 -10.32 12.38 -14.48
N GLY B 76 -10.63 12.11 -13.24
CA GLY B 76 -10.80 10.77 -12.71
C GLY B 76 -11.37 10.83 -11.32
N SER B 77 -11.85 9.70 -10.83
CA SER B 77 -12.45 9.62 -9.51
C SER B 77 -11.43 9.39 -8.43
N MET B 78 -11.60 10.11 -7.30
CA MET B 78 -10.79 9.99 -6.11
C MET B 78 -11.73 10.17 -4.93
N ALA B 79 -11.38 9.59 -3.77
CA ALA B 79 -12.13 9.76 -2.52
C ALA B 79 -11.22 10.49 -1.54
N PRO B 80 -11.73 11.48 -0.78
CA PRO B 80 -10.86 12.21 0.18
C PRO B 80 -10.20 11.25 1.16
N GLY B 81 -8.92 11.49 1.46
CA GLY B 81 -8.15 10.59 2.30
C GLY B 81 -6.69 10.61 1.96
N HIS B 82 -5.93 9.82 2.70
CA HIS B 82 -4.48 9.77 2.65
C HIS B 82 -3.91 9.19 1.36
N VAL B 83 -4.65 8.26 0.72
CA VAL B 83 -4.28 7.67 -0.58
C VAL B 83 -4.38 8.81 -1.63
N ALA B 84 -5.52 9.54 -1.66
CA ALA B 84 -5.77 10.67 -2.55
C ALA B 84 -4.71 11.74 -2.39
N ASP B 85 -4.33 12.03 -1.12
CA ASP B 85 -3.30 12.99 -0.74
C ASP B 85 -1.96 12.68 -1.41
N PHE B 86 -1.55 11.39 -1.39
CA PHE B 86 -0.30 10.95 -2.00
C PHE B 86 -0.36 11.20 -3.51
N LEU B 87 -1.46 10.76 -4.14
CA LEU B 87 -1.73 10.84 -5.58
C LEU B 87 -1.80 12.27 -6.09
N VAL B 88 -2.45 13.15 -5.35
CA VAL B 88 -2.57 14.59 -5.68
C VAL B 88 -1.17 15.25 -5.60
N ALA B 89 -0.42 14.95 -4.54
CA ALA B 89 0.95 15.47 -4.38
C ALA B 89 1.86 14.94 -5.50
N ASP B 90 1.64 13.67 -5.95
CA ASP B 90 2.40 13.08 -7.04
C ASP B 90 2.04 13.76 -8.37
N PHE B 91 0.72 13.94 -8.64
CA PHE B 91 0.25 14.67 -9.82
C PHE B 91 0.88 16.05 -9.88
N ARG B 92 0.82 16.77 -8.76
CA ARG B 92 1.35 18.13 -8.64
C ARG B 92 2.89 18.18 -8.82
N ARG B 93 3.60 17.18 -8.31
CA ARG B 93 5.06 17.02 -8.50
C ARG B 93 5.41 16.88 -10.03
N ARG B 94 4.44 16.34 -10.81
CA ARG B 94 4.52 16.17 -12.25
C ARG B 94 3.86 17.28 -13.01
N GLY B 95 3.43 18.36 -12.33
CA GLY B 95 2.80 19.53 -12.93
C GLY B 95 1.47 19.30 -13.62
N VAL B 96 0.74 18.28 -13.18
CA VAL B 96 -0.58 17.92 -13.75
C VAL B 96 -1.64 18.72 -13.05
N ASP B 97 -2.55 19.33 -13.84
CA ASP B 97 -3.69 20.11 -13.33
C ASP B 97 -4.72 19.09 -12.83
N VAL B 98 -5.15 19.26 -11.58
CA VAL B 98 -5.99 18.30 -10.90
C VAL B 98 -7.36 18.89 -10.44
N SER B 99 -7.73 20.07 -11.01
CA SER B 99 -8.98 20.79 -10.73
C SER B 99 -10.27 20.06 -11.15
N GLN B 100 -10.21 19.17 -12.14
CA GLN B 100 -11.35 18.41 -12.67
C GLN B 100 -11.55 17.01 -12.07
N VAL B 101 -10.84 16.66 -11.01
CA VAL B 101 -11.03 15.37 -10.34
C VAL B 101 -12.47 15.26 -9.78
N ALA B 102 -13.11 14.09 -10.00
CA ALA B 102 -14.46 13.79 -9.51
C ALA B 102 -14.34 13.22 -8.14
N TRP B 103 -14.43 14.08 -7.13
CA TRP B 103 -14.34 13.70 -5.71
C TRP B 103 -15.61 12.96 -5.29
N GLN B 104 -15.42 11.71 -4.84
CA GLN B 104 -16.46 10.76 -4.45
C GLN B 104 -16.64 10.65 -2.94
N SER B 105 -17.91 10.55 -2.49
CA SER B 105 -18.27 10.43 -1.06
C SER B 105 -18.31 8.96 -0.57
N LYS B 106 -18.41 8.01 -1.52
CA LYS B 106 -18.44 6.57 -1.25
C LYS B 106 -17.28 5.86 -1.97
N GLY B 107 -16.74 4.80 -1.37
CA GLY B 107 -15.68 4.00 -1.98
C GLY B 107 -14.26 4.44 -1.64
N ASP B 108 -13.28 3.59 -1.98
CA ASP B 108 -11.84 3.77 -1.75
C ASP B 108 -11.14 4.27 -3.00
N THR B 109 -10.17 5.17 -2.82
CA THR B 109 -9.28 5.62 -3.89
C THR B 109 -8.46 4.38 -4.25
N PRO B 110 -8.37 4.01 -5.56
CA PRO B 110 -7.71 2.74 -5.90
C PRO B 110 -6.26 2.61 -5.47
N SER B 111 -5.97 1.43 -4.93
CA SER B 111 -4.64 1.06 -4.51
C SER B 111 -4.38 -0.40 -4.91
N SER B 112 -3.24 -0.68 -5.54
CA SER B 112 -2.86 -2.05 -5.95
C SER B 112 -1.60 -2.43 -5.25
N CYS B 113 -1.40 -3.72 -5.05
CA CYS B 113 -0.24 -4.21 -4.36
C CYS B 113 0.46 -5.19 -5.27
N CYS B 114 1.67 -4.87 -5.68
CA CYS B 114 2.47 -5.69 -6.59
C CYS B 114 3.67 -6.36 -5.90
N ILE B 115 3.70 -7.70 -5.90
CA ILE B 115 4.80 -8.48 -5.33
C ILE B 115 5.63 -9.00 -6.51
N ILE B 116 6.87 -8.51 -6.65
CA ILE B 116 7.80 -8.93 -7.72
C ILE B 116 8.86 -9.85 -7.10
N ASN B 117 8.92 -11.11 -7.54
CA ASN B 117 9.88 -12.10 -7.02
C ASN B 117 11.21 -11.93 -7.76
N ASN B 118 12.31 -11.80 -7.01
CA ASN B 118 13.65 -11.58 -7.58
C ASN B 118 14.22 -12.82 -8.30
N SER B 119 14.02 -14.02 -7.71
CA SER B 119 14.54 -15.28 -8.24
C SER B 119 13.94 -15.74 -9.60
N ASN B 120 12.90 -15.02 -10.15
CA ASN B 120 12.34 -15.39 -11.47
C ASN B 120 11.64 -14.27 -12.23
N GLY B 121 11.50 -13.08 -11.63
CA GLY B 121 10.83 -11.94 -12.26
C GLY B 121 9.31 -11.98 -12.23
N ASN B 122 8.73 -13.01 -11.55
CA ASN B 122 7.29 -13.21 -11.40
C ASN B 122 6.64 -12.02 -10.69
N ARG B 123 5.45 -11.62 -11.19
CA ARG B 123 4.64 -10.52 -10.68
C ARG B 123 3.27 -11.01 -10.21
N THR B 124 2.99 -10.87 -8.90
CA THR B 124 1.69 -11.19 -8.33
C THR B 124 1.04 -9.85 -7.98
N ILE B 125 -0.19 -9.62 -8.48
CA ILE B 125 -0.89 -8.35 -8.32
C ILE B 125 -2.20 -8.51 -7.60
N VAL B 126 -2.38 -7.77 -6.49
CA VAL B 126 -3.64 -7.71 -5.74
C VAL B 126 -4.21 -6.37 -6.20
N LEU B 127 -5.09 -6.42 -7.21
CA LEU B 127 -5.75 -5.30 -7.88
C LEU B 127 -6.61 -4.52 -6.92
N HIS B 128 -6.78 -3.22 -7.18
CA HIS B 128 -7.65 -2.35 -6.38
C HIS B 128 -9.08 -2.87 -6.37
N ASP B 129 -9.87 -2.52 -5.36
CA ASP B 129 -11.26 -2.97 -5.33
C ASP B 129 -12.17 -2.14 -6.31
N THR B 130 -13.48 -2.44 -6.31
CA THR B 130 -14.44 -1.86 -7.23
C THR B 130 -15.34 -0.73 -6.61
N SER B 131 -15.18 -0.46 -5.30
CA SER B 131 -15.98 0.49 -4.52
C SER B 131 -16.11 1.92 -5.08
N LEU B 132 -15.06 2.45 -5.70
CA LEU B 132 -15.12 3.83 -6.19
C LEU B 132 -15.97 4.02 -7.45
N PRO B 133 -17.00 4.89 -7.45
CA PRO B 133 -17.76 5.13 -8.68
C PRO B 133 -16.88 5.80 -9.73
N ASP B 134 -17.02 5.40 -11.00
CA ASP B 134 -16.30 6.02 -12.10
C ASP B 134 -16.90 7.42 -12.42
N VAL B 135 -16.17 8.25 -13.19
CA VAL B 135 -16.61 9.55 -13.67
C VAL B 135 -17.89 9.28 -14.52
N SER B 136 -18.95 10.05 -14.27
CA SER B 136 -20.18 9.85 -15.02
C SER B 136 -20.37 10.90 -16.10
N ALA B 137 -21.37 10.69 -16.95
CA ALA B 137 -21.72 11.63 -18.00
C ALA B 137 -22.24 12.93 -17.35
N THR B 138 -22.93 12.84 -16.17
CA THR B 138 -23.43 14.01 -15.44
C THR B 138 -22.25 14.74 -14.83
N ASP B 139 -21.23 14.01 -14.36
CA ASP B 139 -20.01 14.63 -13.83
C ASP B 139 -19.38 15.45 -14.98
N PHE B 140 -19.12 14.80 -16.14
CA PHE B 140 -18.52 15.43 -17.32
C PHE B 140 -19.32 16.63 -17.90
N GLU B 141 -20.69 16.65 -17.71
CA GLU B 141 -21.65 17.67 -18.18
C GLU B 141 -21.34 19.03 -17.56
N LYS B 142 -20.79 19.01 -16.36
CA LYS B 142 -20.46 20.16 -15.53
C LYS B 142 -19.08 20.77 -15.83
N VAL B 143 -18.31 20.17 -16.77
CA VAL B 143 -16.99 20.64 -17.17
C VAL B 143 -17.07 21.65 -18.33
N ASP B 144 -16.53 22.87 -18.13
CA ASP B 144 -16.40 23.84 -19.19
C ASP B 144 -15.23 23.29 -20.05
N LEU B 145 -15.52 22.93 -21.31
CA LEU B 145 -14.58 22.34 -22.24
C LEU B 145 -13.64 23.33 -22.91
N THR B 146 -13.91 24.65 -22.83
CA THR B 146 -13.16 25.67 -23.57
C THR B 146 -11.65 25.71 -23.34
N GLN B 147 -11.18 25.33 -22.14
CA GLN B 147 -9.74 25.32 -21.85
C GLN B 147 -9.00 24.16 -22.52
N PHE B 148 -9.73 23.16 -23.05
CA PHE B 148 -9.13 21.97 -23.66
C PHE B 148 -9.02 22.02 -25.16
N LYS B 149 -7.84 21.70 -25.70
CA LYS B 149 -7.61 21.61 -27.14
C LYS B 149 -7.68 20.15 -27.59
N TRP B 150 -7.47 19.21 -26.64
CA TRP B 150 -7.49 17.78 -26.85
C TRP B 150 -8.05 17.10 -25.61
N ILE B 151 -8.94 16.09 -25.79
CA ILE B 151 -9.56 15.26 -24.75
C ILE B 151 -9.35 13.80 -25.08
N HIS B 152 -8.60 13.11 -24.21
CA HIS B 152 -8.29 11.71 -24.29
C HIS B 152 -9.05 10.94 -23.23
N ILE B 153 -9.82 9.93 -23.63
CA ILE B 153 -10.62 9.11 -22.72
C ILE B 153 -10.10 7.68 -22.70
N GLU B 154 -9.74 7.18 -21.52
CA GLU B 154 -9.31 5.80 -21.31
C GLU B 154 -10.63 5.03 -21.07
N GLY B 155 -10.93 4.08 -21.95
CA GLY B 155 -12.12 3.25 -21.91
C GLY B 155 -12.31 2.48 -20.63
N ARG B 156 -13.44 2.73 -19.96
CA ARG B 156 -13.78 2.11 -18.68
C ARG B 156 -15.29 1.88 -18.66
N ASN B 157 -16.08 2.87 -18.22
CA ASN B 157 -17.53 2.80 -18.17
C ASN B 157 -18.08 3.35 -19.50
N ALA B 158 -18.02 2.51 -20.53
CA ALA B 158 -18.31 2.85 -21.93
C ALA B 158 -19.65 3.54 -22.21
N SER B 159 -20.76 3.09 -21.64
CA SER B 159 -22.08 3.72 -21.92
C SER B 159 -22.14 5.18 -21.44
N GLU B 160 -21.45 5.47 -20.36
CA GLU B 160 -21.33 6.80 -19.81
C GLU B 160 -20.38 7.62 -20.65
N GLN B 161 -19.20 7.03 -21.02
CA GLN B 161 -18.16 7.71 -21.82
C GLN B 161 -18.65 8.05 -23.21
N VAL B 162 -19.60 7.28 -23.75
CA VAL B 162 -20.24 7.52 -25.05
C VAL B 162 -21.00 8.86 -24.99
N LYS B 163 -21.73 9.11 -23.89
CA LYS B 163 -22.48 10.35 -23.68
C LYS B 163 -21.51 11.53 -23.54
N MET B 164 -20.32 11.30 -22.91
CA MET B 164 -19.25 12.30 -22.76
C MET B 164 -18.72 12.64 -24.14
N LEU B 165 -18.53 11.62 -25.00
CA LEU B 165 -18.06 11.78 -26.37
C LEU B 165 -19.07 12.50 -27.25
N GLN B 166 -20.37 12.25 -27.01
CA GLN B 166 -21.49 12.92 -27.70
C GLN B 166 -21.56 14.41 -27.32
N ARG B 167 -21.19 14.74 -26.07
CA ARG B 167 -21.12 16.11 -25.59
C ARG B 167 -19.98 16.90 -26.29
N ILE B 168 -18.79 16.26 -26.49
CA ILE B 168 -17.66 16.91 -27.18
C ILE B 168 -18.01 17.14 -28.67
N ASP B 169 -18.71 16.17 -29.29
CA ASP B 169 -19.20 16.29 -30.67
C ASP B 169 -20.15 17.45 -30.81
N ALA B 170 -21.12 17.58 -29.86
CA ALA B 170 -22.11 18.66 -29.80
C ALA B 170 -21.41 20.01 -29.73
N HIS B 171 -20.37 20.13 -28.85
CA HIS B 171 -19.52 21.31 -28.66
C HIS B 171 -18.88 21.71 -30.00
N ASN B 172 -18.17 20.76 -30.66
CA ASN B 172 -17.45 21.01 -31.89
C ASN B 172 -18.33 21.48 -33.03
N THR B 173 -19.58 21.03 -33.07
CA THR B 173 -20.57 21.42 -34.09
C THR B 173 -20.73 22.96 -34.12
N ARG B 174 -20.71 23.59 -32.93
CA ARG B 174 -20.83 25.04 -32.76
C ARG B 174 -19.45 25.77 -32.84
N GLN B 175 -18.37 25.07 -33.21
CA GLN B 175 -17.04 25.65 -33.25
C GLN B 175 -16.40 25.83 -34.62
N PRO B 176 -15.71 26.97 -34.87
CA PRO B 176 -14.92 27.07 -36.12
C PRO B 176 -13.84 25.97 -36.09
N PRO B 177 -13.41 25.42 -37.25
CA PRO B 177 -12.43 24.32 -37.25
C PRO B 177 -11.18 24.47 -36.37
N GLU B 178 -10.74 25.72 -36.09
CA GLU B 178 -9.55 25.94 -35.25
C GLU B 178 -9.84 25.91 -33.75
N GLN B 179 -11.10 26.06 -33.39
CA GLN B 179 -11.54 26.00 -32.00
C GLN B 179 -12.18 24.63 -31.70
N LYS B 180 -11.96 23.68 -32.60
CA LYS B 180 -12.47 22.30 -32.46
C LYS B 180 -11.58 21.47 -31.58
N ILE B 181 -12.18 20.84 -30.56
CA ILE B 181 -11.50 19.97 -29.60
C ILE B 181 -11.22 18.59 -30.24
N ARG B 182 -9.92 18.21 -30.36
CA ARG B 182 -9.54 16.92 -30.88
C ARG B 182 -9.78 15.84 -29.81
N VAL B 183 -10.16 14.63 -30.25
CA VAL B 183 -10.57 13.58 -29.35
C VAL B 183 -9.88 12.27 -29.62
N SER B 184 -9.41 11.63 -28.56
CA SER B 184 -8.83 10.31 -28.63
C SER B 184 -9.44 9.39 -27.60
N VAL B 185 -9.50 8.12 -27.98
CA VAL B 185 -10.10 7.05 -27.18
C VAL B 185 -9.09 5.89 -27.08
N GLU B 186 -9.02 5.24 -25.90
CA GLU B 186 -8.17 4.08 -25.67
C GLU B 186 -9.02 2.86 -25.28
N VAL B 187 -8.86 1.75 -26.01
CA VAL B 187 -9.52 0.46 -25.76
C VAL B 187 -8.34 -0.46 -25.42
N GLU B 188 -7.97 -0.48 -24.13
CA GLU B 188 -6.84 -1.25 -23.59
C GLU B 188 -7.26 -2.56 -22.92
N LYS B 189 -8.47 -2.63 -22.37
CA LYS B 189 -8.95 -3.85 -21.70
C LYS B 189 -9.83 -4.69 -22.61
N PRO B 190 -9.63 -6.05 -22.62
CA PRO B 190 -10.40 -6.89 -23.54
C PRO B 190 -11.82 -7.20 -23.08
N ARG B 191 -12.57 -6.12 -22.78
CA ARG B 191 -13.96 -6.14 -22.31
C ARG B 191 -14.88 -5.66 -23.44
N GLU B 192 -15.83 -6.51 -23.85
CA GLU B 192 -16.79 -6.26 -24.94
C GLU B 192 -17.52 -4.90 -24.89
N GLU B 193 -17.86 -4.40 -23.68
CA GLU B 193 -18.57 -3.11 -23.51
C GLU B 193 -17.80 -1.90 -24.08
N LEU B 194 -16.49 -2.03 -24.12
CA LEU B 194 -15.61 -0.99 -24.63
C LEU B 194 -15.55 -0.88 -26.14
N PHE B 195 -15.93 -1.95 -26.85
CA PHE B 195 -15.83 -2.01 -28.30
C PHE B 195 -16.76 -1.03 -29.01
N GLN B 196 -17.70 -0.39 -28.29
CA GLN B 196 -18.57 0.63 -28.89
C GLN B 196 -17.82 1.96 -29.03
N LEU B 197 -16.72 2.12 -28.26
CA LEU B 197 -15.88 3.30 -28.23
C LEU B 197 -15.09 3.49 -29.50
N PHE B 198 -14.97 2.44 -30.34
CA PHE B 198 -14.27 2.47 -31.61
C PHE B 198 -14.90 3.51 -32.55
N GLY B 199 -16.22 3.66 -32.47
CA GLY B 199 -16.98 4.61 -33.28
C GLY B 199 -16.86 6.06 -32.86
N TYR B 200 -16.02 6.36 -31.85
CA TYR B 200 -15.85 7.70 -31.34
C TYR B 200 -14.40 8.16 -31.38
N GLY B 201 -14.21 9.47 -31.53
CA GLY B 201 -12.88 10.06 -31.56
C GLY B 201 -12.21 10.13 -32.91
N ASP B 202 -11.27 11.08 -33.03
CA ASP B 202 -10.43 11.35 -34.19
C ASP B 202 -9.30 10.36 -34.21
N VAL B 203 -8.80 9.96 -33.00
CA VAL B 203 -7.72 8.99 -32.81
C VAL B 203 -8.21 7.89 -31.87
N VAL B 204 -8.06 6.63 -32.28
CA VAL B 204 -8.49 5.46 -31.53
C VAL B 204 -7.30 4.57 -31.31
N PHE B 205 -6.88 4.39 -30.06
CA PHE B 205 -5.78 3.49 -29.70
C PHE B 205 -6.38 2.16 -29.24
N VAL B 206 -5.93 1.08 -29.83
CA VAL B 206 -6.33 -0.28 -29.49
C VAL B 206 -5.09 -1.05 -29.03
N SER B 207 -5.17 -1.67 -27.85
CA SER B 207 -4.02 -2.39 -27.33
C SER B 207 -3.74 -3.72 -28.07
N LYS B 208 -2.48 -4.20 -27.97
CA LYS B 208 -2.02 -5.48 -28.48
C LYS B 208 -2.87 -6.59 -27.83
N ASP B 209 -3.07 -6.47 -26.52
CA ASP B 209 -3.86 -7.38 -25.66
C ASP B 209 -5.31 -7.50 -26.17
N VAL B 210 -5.97 -6.37 -26.46
CA VAL B 210 -7.34 -6.34 -27.02
C VAL B 210 -7.36 -6.97 -28.39
N ALA B 211 -6.39 -6.62 -29.27
CA ALA B 211 -6.31 -7.16 -30.64
C ALA B 211 -6.16 -8.67 -30.63
N LYS B 212 -5.23 -9.19 -29.80
CA LYS B 212 -4.95 -10.62 -29.63
C LYS B 212 -6.20 -11.39 -29.16
N HIS B 213 -6.97 -10.78 -28.26
CA HIS B 213 -8.23 -11.31 -27.74
C HIS B 213 -9.30 -11.42 -28.81
N LEU B 214 -9.25 -10.54 -29.84
CA LEU B 214 -10.20 -10.56 -30.96
C LEU B 214 -9.71 -11.45 -32.10
N GLY B 215 -8.58 -12.13 -31.88
CA GLY B 215 -7.99 -13.10 -32.81
C GLY B 215 -6.93 -12.61 -33.77
N PHE B 216 -6.59 -11.32 -33.70
CA PHE B 216 -5.59 -10.67 -34.56
C PHE B 216 -4.18 -10.99 -34.07
N GLN B 217 -3.31 -11.46 -34.98
CA GLN B 217 -1.94 -11.87 -34.68
C GLN B 217 -0.87 -10.78 -34.98
N SER B 218 -1.30 -9.57 -35.43
CA SER B 218 -0.44 -8.41 -35.73
C SER B 218 -1.19 -7.09 -35.72
N ALA B 219 -0.46 -5.96 -35.58
CA ALA B 219 -0.99 -4.59 -35.60
C ALA B 219 -1.69 -4.32 -36.96
N GLU B 220 -1.08 -4.83 -38.11
CA GLU B 220 -1.67 -4.75 -39.46
C GLU B 220 -3.07 -5.47 -39.51
N GLU B 221 -3.14 -6.68 -39.00
CA GLU B 221 -4.36 -7.48 -38.98
C GLU B 221 -5.43 -6.77 -38.13
N ALA B 222 -5.04 -6.26 -36.96
CA ALA B 222 -5.92 -5.55 -36.06
C ALA B 222 -6.49 -4.29 -36.73
N LEU B 223 -5.61 -3.46 -37.34
CA LEU B 223 -6.05 -2.24 -38.01
C LEU B 223 -6.96 -2.49 -39.21
N ARG B 224 -6.67 -3.50 -40.01
CA ARG B 224 -7.49 -3.82 -41.17
C ARG B 224 -8.80 -4.48 -40.76
N GLY B 225 -8.75 -5.25 -39.67
CA GLY B 225 -9.88 -5.97 -39.12
C GLY B 225 -10.86 -5.08 -38.38
N LEU B 226 -10.36 -4.06 -37.67
CA LEU B 226 -11.16 -3.14 -36.88
C LEU B 226 -11.45 -1.76 -37.51
N TYR B 227 -10.81 -1.39 -38.64
CA TYR B 227 -11.05 -0.06 -39.22
C TYR B 227 -12.51 0.26 -39.55
N GLY B 228 -13.28 -0.70 -40.00
CA GLY B 228 -14.70 -0.49 -40.32
C GLY B 228 -15.55 -0.06 -39.12
N ARG B 229 -15.02 -0.25 -37.88
CA ARG B 229 -15.67 0.10 -36.62
C ARG B 229 -15.43 1.58 -36.20
N VAL B 230 -14.51 2.30 -36.89
CA VAL B 230 -14.19 3.69 -36.48
C VAL B 230 -15.08 4.71 -37.20
N ARG B 231 -15.17 5.94 -36.63
CA ARG B 231 -15.95 7.00 -37.28
C ARG B 231 -15.24 7.49 -38.55
N LYS B 232 -15.97 8.12 -39.49
CA LYS B 232 -15.41 8.59 -40.75
C LYS B 232 -14.36 9.67 -40.50
N GLY B 233 -13.16 9.44 -41.05
CA GLY B 233 -12.02 10.34 -40.92
C GLY B 233 -11.06 9.97 -39.82
N ALA B 234 -11.46 9.05 -38.90
CA ALA B 234 -10.68 8.66 -37.74
C ALA B 234 -9.40 7.91 -38.10
N VAL B 235 -8.43 7.92 -37.16
CA VAL B 235 -7.15 7.24 -37.26
C VAL B 235 -7.11 6.16 -36.19
N LEU B 236 -6.92 4.89 -36.62
CA LEU B 236 -6.83 3.74 -35.74
C LEU B 236 -5.34 3.44 -35.53
N VAL B 237 -4.90 3.40 -34.27
CA VAL B 237 -3.49 3.22 -33.86
C VAL B 237 -3.33 1.93 -33.03
N CYS B 238 -2.32 1.11 -33.33
CA CYS B 238 -2.02 -0.10 -32.58
C CYS B 238 -0.52 -0.31 -32.46
N ALA B 239 0.00 -0.16 -31.22
CA ALA B 239 1.38 -0.39 -30.80
C ALA B 239 1.51 -1.89 -30.46
N TRP B 240 2.50 -2.57 -31.04
CA TRP B 240 2.72 -4.00 -30.81
C TRP B 240 4.08 -4.23 -30.13
N ALA B 241 4.30 -3.51 -29.01
CA ALA B 241 5.48 -3.54 -28.15
C ALA B 241 6.78 -3.33 -28.95
N GLU B 242 7.78 -4.22 -28.80
CA GLU B 242 9.08 -4.13 -29.49
C GLU B 242 9.03 -4.40 -30.99
N GLU B 243 7.81 -4.66 -31.52
CA GLU B 243 7.58 -4.84 -32.94
C GLU B 243 7.10 -3.53 -33.62
N GLY B 244 7.17 -2.43 -32.87
CA GLY B 244 6.80 -1.10 -33.35
C GLY B 244 5.31 -0.87 -33.31
N ALA B 245 4.88 0.24 -33.92
CA ALA B 245 3.49 0.65 -33.98
C ALA B 245 3.02 0.99 -35.37
N ASP B 246 1.71 0.79 -35.59
CA ASP B 246 1.04 1.03 -36.85
C ASP B 246 -0.12 2.00 -36.64
N ALA B 247 -0.47 2.75 -37.68
CA ALA B 247 -1.61 3.67 -37.69
C ALA B 247 -2.29 3.52 -39.07
N LEU B 248 -3.59 3.70 -39.11
CA LEU B 248 -4.37 3.59 -40.34
C LEU B 248 -5.48 4.66 -40.33
N GLY B 249 -5.51 5.48 -41.36
CA GLY B 249 -6.47 6.55 -41.52
C GLY B 249 -7.36 6.42 -42.74
N PRO B 250 -8.19 7.46 -43.00
CA PRO B 250 -9.14 7.41 -44.13
C PRO B 250 -8.55 7.19 -45.54
N ASP B 251 -7.26 7.48 -45.77
CA ASP B 251 -6.63 7.24 -47.07
C ASP B 251 -6.35 5.73 -47.31
N GLY B 252 -6.62 4.90 -46.30
CA GLY B 252 -6.44 3.45 -46.36
C GLY B 252 -5.00 3.01 -46.38
N LYS B 253 -4.06 3.95 -46.13
CA LYS B 253 -2.64 3.65 -46.16
C LYS B 253 -2.15 3.28 -44.79
N LEU B 254 -1.70 2.02 -44.63
CA LEU B 254 -1.13 1.53 -43.38
C LEU B 254 0.25 2.18 -43.17
N LEU B 255 0.43 2.79 -42.00
CA LEU B 255 1.67 3.43 -41.60
C LEU B 255 2.31 2.61 -40.50
N HIS B 256 3.64 2.49 -40.57
CA HIS B 256 4.38 1.77 -39.56
C HIS B 256 5.58 2.55 -39.09
N SER B 257 5.94 2.33 -37.82
CA SER B 257 7.18 2.81 -37.25
C SER B 257 7.79 1.65 -36.50
N ASP B 258 9.10 1.42 -36.66
CA ASP B 258 9.79 0.41 -35.88
C ASP B 258 9.91 0.92 -34.47
N ALA B 259 10.12 0.00 -33.52
CA ALA B 259 10.37 0.36 -32.13
C ALA B 259 11.80 0.90 -32.03
N PHE B 260 12.05 1.73 -31.00
CA PHE B 260 13.39 2.26 -30.68
C PHE B 260 13.82 1.71 -29.31
N PRO B 261 14.08 0.38 -29.22
CA PRO B 261 14.47 -0.22 -27.91
C PRO B 261 15.71 0.36 -27.26
N PRO B 262 15.75 0.43 -25.92
CA PRO B 262 16.95 0.95 -25.28
C PRO B 262 18.11 -0.07 -25.30
N PRO B 263 19.40 0.38 -25.15
CA PRO B 263 20.52 -0.58 -25.09
C PRO B 263 20.35 -1.64 -24.02
N ARG B 264 19.67 -1.32 -22.90
CA ARG B 264 19.28 -2.26 -21.83
C ARG B 264 17.89 -1.87 -21.33
N VAL B 265 16.95 -2.83 -21.27
CA VAL B 265 15.61 -2.55 -20.74
C VAL B 265 15.64 -2.58 -19.21
N VAL B 266 15.11 -1.53 -18.58
CA VAL B 266 15.09 -1.34 -17.13
C VAL B 266 13.66 -1.42 -16.62
N ASP B 267 12.76 -0.64 -17.20
CA ASP B 267 11.39 -0.55 -16.75
C ASP B 267 10.43 -0.31 -17.91
N THR B 268 9.57 -1.31 -18.18
CA THR B 268 8.56 -1.19 -19.25
C THR B 268 7.23 -0.68 -18.72
N LEU B 269 7.03 -0.64 -17.40
CA LEU B 269 5.74 -0.22 -16.86
C LEU B 269 5.40 1.21 -17.24
N GLY B 270 4.31 1.37 -18.00
CA GLY B 270 3.80 2.65 -18.51
C GLY B 270 4.37 3.04 -19.87
N ALA B 271 5.06 2.11 -20.59
CA ALA B 271 5.60 2.33 -21.94
C ALA B 271 4.47 2.63 -22.95
N GLY B 272 3.38 1.88 -22.87
CA GLY B 272 2.18 2.07 -23.69
C GLY B 272 1.50 3.40 -23.48
N ASP B 273 1.51 3.88 -22.23
CA ASP B 273 0.94 5.18 -21.82
C ASP B 273 1.84 6.31 -22.28
N THR B 274 3.16 6.03 -22.39
CA THR B 274 4.19 6.93 -22.92
C THR B 274 3.97 7.10 -24.41
N PHE B 275 3.64 5.99 -25.12
CA PHE B 275 3.34 5.95 -26.53
C PHE B 275 2.09 6.79 -26.82
N ASN B 276 0.97 6.48 -26.15
CA ASN B 276 -0.31 7.21 -26.26
C ASN B 276 -0.12 8.72 -26.05
N ALA B 277 0.53 9.14 -24.94
CA ALA B 277 0.76 10.56 -24.63
C ALA B 277 1.62 11.27 -25.68
N SER B 278 2.66 10.57 -26.19
CA SER B 278 3.56 11.10 -27.23
C SER B 278 2.89 11.20 -28.59
N VAL B 279 2.03 10.25 -28.96
CA VAL B 279 1.28 10.33 -30.21
C VAL B 279 0.36 11.54 -30.15
N ILE B 280 -0.43 11.65 -29.07
CA ILE B 280 -1.36 12.76 -28.81
C ILE B 280 -0.59 14.08 -28.88
N PHE B 281 0.55 14.17 -28.17
CA PHE B 281 1.36 15.39 -28.16
C PHE B 281 1.81 15.84 -29.53
N SER B 282 2.45 14.94 -30.28
CA SER B 282 2.93 15.17 -31.64
C SER B 282 1.79 15.60 -32.59
N LEU B 283 0.63 14.93 -32.51
CA LEU B 283 -0.52 15.30 -33.32
C LEU B 283 -1.03 16.68 -32.95
N SER B 284 -1.09 16.99 -31.63
CA SER B 284 -1.56 18.30 -31.13
C SER B 284 -0.68 19.46 -31.57
N GLN B 285 0.59 19.18 -31.90
CA GLN B 285 1.60 20.12 -32.39
C GLN B 285 1.53 20.32 -33.92
N GLY B 286 0.60 19.63 -34.60
CA GLY B 286 0.38 19.75 -36.03
C GLY B 286 1.16 18.81 -36.91
N ARG B 287 1.85 17.83 -36.29
CA ARG B 287 2.67 16.87 -36.99
C ARG B 287 1.81 15.81 -37.70
N SER B 288 2.36 15.16 -38.73
CA SER B 288 1.62 14.13 -39.46
C SER B 288 1.48 12.87 -38.59
N VAL B 289 0.61 11.95 -39.02
CA VAL B 289 0.40 10.68 -38.34
C VAL B 289 1.67 9.86 -38.35
N GLN B 290 2.41 9.87 -39.50
CA GLN B 290 3.67 9.17 -39.61
C GLN B 290 4.68 9.66 -38.59
N GLU B 291 4.80 11.01 -38.45
CA GLU B 291 5.72 11.67 -37.51
C GLU B 291 5.36 11.37 -36.08
N ALA B 292 4.07 11.31 -35.77
CA ALA B 292 3.51 11.03 -34.43
C ALA B 292 3.76 9.58 -34.01
N LEU B 293 3.70 8.62 -34.98
CA LEU B 293 3.98 7.20 -34.76
C LEU B 293 5.44 7.05 -34.35
N ARG B 294 6.35 7.65 -35.14
CA ARG B 294 7.80 7.58 -34.95
C ARG B 294 8.15 8.16 -33.58
N PHE B 295 7.60 9.38 -33.27
CA PHE B 295 7.79 10.07 -32.01
C PHE B 295 7.35 9.24 -30.80
N GLY B 296 6.14 8.67 -30.85
CA GLY B 296 5.60 7.81 -29.78
C GLY B 296 6.50 6.62 -29.49
N CYS B 297 7.00 5.96 -30.58
CA CYS B 297 7.94 4.83 -30.51
C CYS B 297 9.27 5.21 -29.89
N GLN B 298 9.79 6.40 -30.22
CA GLN B 298 11.06 6.96 -29.70
C GLN B 298 10.96 7.24 -28.20
N VAL B 299 9.91 7.97 -27.76
CA VAL B 299 9.69 8.30 -26.37
C VAL B 299 9.44 7.01 -25.56
N ALA B 300 8.57 6.11 -26.07
CA ALA B 300 8.28 4.81 -25.45
C ALA B 300 9.58 4.01 -25.25
N GLY B 301 10.42 3.96 -26.30
CA GLY B 301 11.69 3.25 -26.27
C GLY B 301 12.64 3.80 -25.23
N LYS B 302 12.79 5.15 -25.21
CA LYS B 302 13.60 5.91 -24.25
C LYS B 302 13.14 5.58 -22.82
N LYS B 303 11.82 5.56 -22.59
CA LYS B 303 11.25 5.21 -21.29
C LYS B 303 11.67 3.81 -20.79
N CYS B 304 11.68 2.80 -21.68
CA CYS B 304 12.00 1.41 -21.35
C CYS B 304 13.39 1.22 -20.73
N GLY B 305 14.30 2.12 -21.05
CA GLY B 305 15.64 2.10 -20.47
C GLY B 305 15.80 2.95 -19.22
N LEU B 306 14.69 3.54 -18.74
CA LEU B 306 14.62 4.42 -17.57
C LEU B 306 13.74 3.82 -16.50
N GLN B 307 14.05 4.12 -15.24
CA GLN B 307 13.20 3.71 -14.13
C GLN B 307 12.23 4.88 -13.95
N GLY B 308 10.96 4.58 -14.11
CA GLY B 308 9.91 5.58 -14.05
C GLY B 308 9.88 6.45 -15.28
N PHE B 309 9.48 7.73 -15.10
CA PHE B 309 9.31 8.68 -16.18
C PHE B 309 10.41 9.74 -16.24
N ASP B 310 11.23 9.86 -15.21
CA ASP B 310 12.32 10.84 -15.21
C ASP B 310 13.36 10.59 -16.29
N GLY B 311 13.64 11.64 -17.06
CA GLY B 311 14.63 11.64 -18.12
C GLY B 311 14.17 11.17 -19.47
N ILE B 312 12.84 11.00 -19.68
CA ILE B 312 12.28 10.57 -20.98
C ILE B 312 12.48 11.63 -22.08
N VAL B 313 12.72 12.91 -21.66
CA VAL B 313 12.97 14.07 -22.52
C VAL B 313 14.30 14.73 -22.13
N3 S6S C . -3.33 -16.04 16.15
C4 S6S C . -4.93 -16.75 21.81
N2 S6S C . -4.05 -15.98 18.35
C7 S6S C . -6.58 -16.81 17.66
C6 S6S C . -6.33 -16.53 19.02
C9 S6S C . -4.34 -16.26 17.06
C13 S6S C . -2.04 -15.50 16.57
C8 S6S C . -5.60 -16.70 16.67
C18 S6S C . -7.35 -16.62 20.03
C16 S6S C . -0.78 -11.84 14.42
C1 S6S C . -2.52 -14.60 21.01
C2 S6S C . -3.10 -15.99 20.97
C3 S6S C . -3.48 -16.66 22.30
N1 S6S C . -4.55 -15.97 20.61
C5 S6S C . -4.98 -16.13 19.29
C10 S6S C . -3.39 -16.27 14.70
C11 S6S C . -2.20 -15.49 14.13
C12 S6S C . -1.31 -15.12 15.28
C14 S6S C . -2.03 -14.05 14.50
C15 S6S C . -1.22 -13.07 13.64
O1 S6S C . -0.58 -11.85 15.63
O2 S6S C . -0.59 -10.78 13.66
C17 S6S C . -7.96 -17.23 17.21
F1 S6S C . -8.91 -16.55 17.81
F2 S6S C . -8.15 -17.03 15.93
F3 S6S C . -8.17 -18.52 17.40
N4 S6S C . -8.11 -16.68 20.87
O3 S6S C . -2.85 -17.94 22.32
S SO4 D . 1.58 -26.04 15.09
O1 SO4 D . 2.63 -25.92 16.11
O2 SO4 D . 0.27 -26.06 15.74
O3 SO4 D . 1.79 -27.29 14.35
O4 SO4 D . 1.64 -24.92 14.15
N3 S6S E . 6.49 -2.63 -24.39
C4 S6S E . 7.09 0.85 -29.16
N2 S6S E . 6.76 -1.00 -26.00
C7 S6S E . 9.47 -1.42 -26.16
C6 S6S E . 8.92 -0.41 -26.97
C9 S6S E . 7.32 -1.95 -25.26
C13 S6S E . 5.06 -2.31 -24.33
C8 S6S E . 8.70 -2.20 -25.30
C18 S6S E . 9.73 0.43 -27.82
C16 S6S E . 3.49 -1.44 -20.30
C1 S6S E . 4.53 1.30 -27.03
C2 S6S E . 5.35 0.42 -27.96
C3 S6S E . 5.57 0.87 -29.41
N1 S6S E . 6.81 0.58 -27.73
C5 S6S E . 7.51 -0.28 -26.85
C10 S6S E . 6.88 -3.69 -23.47
C11 S6S E . 5.69 -3.83 -22.52
C12 S6S E . 4.53 -3.08 -23.12
C14 S6S E . 5.14 -2.61 -21.83
C15 S6S E . 4.32 -2.68 -20.53
O1 S6S E . 3.08 -0.70 -21.19
O2 S6S E . 3.25 -1.23 -19.02
C17 S6S E . 10.95 -1.66 -26.15
F1 S6S E . 11.38 -2.27 -25.02
F2 S6S E . 11.66 -0.52 -26.22
F3 S6S E . 11.37 -2.42 -27.17
N4 S6S E . 10.32 1.14 -28.52
O3 S6S E . 5.17 -0.22 -30.22
S SO4 F . 8.38 8.04 -11.38
O1 SO4 F . 8.40 9.06 -10.34
O2 SO4 F . 9.63 7.30 -11.29
O3 SO4 F . 7.27 7.10 -11.16
O4 SO4 F . 8.26 8.70 -12.67
S SO4 G . -8.55 -1.78 -13.81
O1 SO4 G . -8.51 -3.24 -14.00
O2 SO4 G . -7.37 -1.42 -12.98
O3 SO4 G . -9.82 -1.46 -13.17
O4 SO4 G . -8.46 -1.04 -15.08
#